data_7Q8Z
#
_entry.id   7Q8Z
#
_cell.length_a   55.905
_cell.length_b   114.745
_cell.length_c   120.576
_cell.angle_alpha   90.000
_cell.angle_beta   90.000
_cell.angle_gamma   90.000
#
_symmetry.space_group_name_H-M   'P 21 21 21'
#
loop_
_entity.id
_entity.type
_entity.pdbx_description
1 polymer 'Tau-tubulin kinase 2'
2 non-polymer 'PHOSPHATE ION'
3 non-polymer ~{N}-(4-phenoxyphenyl)-7~{H}-pyrrolo[2,3-d]pyrimidin-4-amine
4 water water
#
_entity_poly.entity_id   1
_entity_poly.type   'polypeptide(L)'
_entity_poly.pdbx_seq_one_letter_code
;SMSGGGEQPDILSVGILVKERWKVLRKIGGGGFGEIYDALDMLTRENVALKVESAQQPKQVLKMEVAVLKKLQGKDHVCR
FIGCGRNDRFNYVVMQLQGRNLADLRRSQSRGTFTISTTLRLGRQILESIESIHSVGFLHRDIKPSNFAMGRFPSTCRKC
YMLDFGLARQFTNSCGDVRPPRAVAGFRGTVRYASINAHRNREMGRHDDLWSLFYMLVEFVVGQLPWRKIKDKEQVGSIK
ERYDHRLMLKHLPPEFSIFLDHISSLDYFTKPDYQLLTSVFDNSIKTFGVIESDPFDWEK
;
_entity_poly.pdbx_strand_id   A,B
#
# COMPACT_ATOMS: atom_id res chain seq x y z
N GLU A 7 6.15 -35.02 12.17
CA GLU A 7 7.23 -34.00 12.34
C GLU A 7 7.90 -34.24 13.70
N GLN A 8 8.70 -33.28 14.20
CA GLN A 8 9.44 -33.42 15.47
C GLN A 8 8.50 -33.24 16.66
N PRO A 9 8.72 -33.98 17.77
CA PRO A 9 7.98 -33.73 18.99
C PRO A 9 8.40 -32.44 19.69
N ASP A 10 7.60 -32.03 20.64
CA ASP A 10 7.88 -30.88 21.54
C ASP A 10 9.23 -31.10 22.23
N ILE A 11 9.96 -30.05 22.50
CA ILE A 11 11.27 -30.19 23.18
C ILE A 11 11.09 -30.87 24.54
N LEU A 12 10.05 -30.52 25.28
CA LEU A 12 9.71 -31.05 26.63
C LEU A 12 8.42 -31.85 26.51
N SER A 13 8.33 -32.96 27.19
CA SER A 13 7.05 -33.70 27.41
C SER A 13 6.27 -33.00 28.50
N VAL A 14 5.04 -32.66 28.20
CA VAL A 14 4.12 -32.15 29.24
C VAL A 14 4.08 -33.20 30.35
N GLY A 15 4.18 -32.74 31.60
CA GLY A 15 4.17 -33.62 32.76
C GLY A 15 5.49 -33.73 33.46
N ILE A 16 6.58 -33.49 32.75
CA ILE A 16 7.91 -33.64 33.38
C ILE A 16 8.13 -32.49 34.36
N LEU A 17 9.05 -32.75 35.27
CA LEU A 17 9.50 -31.77 36.28
C LEU A 17 10.90 -31.35 35.88
N VAL A 18 11.15 -30.05 35.76
CA VAL A 18 12.47 -29.47 35.43
C VAL A 18 13.11 -29.05 36.76
N LYS A 19 14.26 -29.65 37.04
CA LYS A 19 15.06 -29.36 38.26
C LYS A 19 14.24 -29.61 39.51
N GLU A 20 13.39 -30.64 39.50
CA GLU A 20 12.58 -31.05 40.67
C GLU A 20 11.74 -29.88 41.15
N ARG A 21 11.41 -28.92 40.27
CA ARG A 21 10.70 -27.71 40.72
C ARG A 21 9.57 -27.30 39.75
N TRP A 22 9.85 -27.24 38.45
CA TRP A 22 8.91 -26.65 37.47
C TRP A 22 8.20 -27.76 36.71
N LYS A 23 6.91 -27.94 36.97
CA LYS A 23 6.13 -28.99 36.32
C LYS A 23 5.56 -28.44 35.01
N VAL A 24 5.94 -29.05 33.88
CA VAL A 24 5.52 -28.56 32.56
C VAL A 24 4.03 -28.89 32.38
N LEU A 25 3.18 -27.88 32.09
CA LEU A 25 1.71 -28.09 32.00
C LEU A 25 1.21 -28.05 30.56
N ARG A 26 1.64 -27.09 29.78
CA ARG A 26 1.19 -26.96 28.40
C ARG A 26 2.08 -26.08 27.60
N LYS A 27 2.26 -26.44 26.36
CA LYS A 27 2.98 -25.58 25.40
C LYS A 27 2.10 -24.38 25.10
N ILE A 28 2.63 -23.18 25.15
CA ILE A 28 1.83 -21.96 24.82
C ILE A 28 2.42 -21.23 23.61
N GLY A 29 3.59 -21.59 23.15
CA GLY A 29 4.15 -20.94 21.93
C GLY A 29 5.32 -21.71 21.35
N GLY A 30 5.71 -21.42 20.10
CA GLY A 30 6.66 -22.29 19.38
C GLY A 30 7.36 -21.60 18.24
N GLY A 31 7.00 -20.36 17.95
CA GLY A 31 7.77 -19.46 17.05
C GLY A 31 9.14 -19.13 17.63
N GLY A 32 10.00 -18.53 16.80
CA GLY A 32 11.34 -18.05 17.17
C GLY A 32 12.38 -19.16 17.11
N PHE A 33 13.20 -19.28 18.15
CA PHE A 33 14.31 -20.25 18.22
C PHE A 33 14.09 -21.21 19.40
N GLY A 34 12.83 -21.55 19.68
CA GLY A 34 12.53 -22.48 20.79
C GLY A 34 11.04 -22.55 21.09
N GLU A 35 10.70 -23.00 22.28
CA GLU A 35 9.30 -23.23 22.66
C GLU A 35 9.10 -22.59 24.02
N ILE A 36 7.85 -22.27 24.35
CA ILE A 36 7.49 -21.67 25.65
C ILE A 36 6.32 -22.44 26.22
N TYR A 37 6.37 -22.69 27.51
CA TYR A 37 5.42 -23.50 28.26
C TYR A 37 4.93 -22.74 29.49
N ASP A 38 3.70 -23.03 29.86
CA ASP A 38 3.14 -22.76 31.18
C ASP A 38 3.59 -23.87 32.11
N ALA A 39 4.25 -23.54 33.18
CA ALA A 39 4.74 -24.51 34.15
C ALA A 39 4.21 -24.14 35.54
N LEU A 40 4.06 -25.13 36.43
CA LEU A 40 3.83 -24.86 37.87
C LEU A 40 5.17 -24.83 38.60
N ASP A 41 5.45 -23.72 39.26
CA ASP A 41 6.63 -23.61 40.14
C ASP A 41 6.26 -24.15 41.49
N MET A 42 6.76 -25.32 41.85
CA MET A 42 6.30 -25.98 43.10
C MET A 42 6.99 -25.36 44.33
N LEU A 43 7.95 -24.48 44.16
CA LEU A 43 8.56 -23.78 45.32
C LEU A 43 7.62 -22.63 45.75
N THR A 44 7.20 -21.81 44.79
CA THR A 44 6.39 -20.61 45.05
C THR A 44 4.89 -20.93 44.88
N ARG A 45 4.57 -22.07 44.30
CA ARG A 45 3.17 -22.53 44.08
C ARG A 45 2.44 -21.46 43.23
N GLU A 46 2.96 -21.21 42.05
CA GLU A 46 2.44 -20.24 41.09
C GLU A 46 2.69 -20.76 39.67
N ASN A 47 1.90 -20.34 38.70
CA ASN A 47 2.18 -20.61 37.29
C ASN A 47 3.25 -19.64 36.83
N VAL A 48 4.15 -20.15 35.96
CA VAL A 48 5.29 -19.38 35.43
C VAL A 48 5.41 -19.71 33.93
N ALA A 49 6.19 -18.95 33.21
CA ALA A 49 6.58 -19.23 31.81
C ALA A 49 7.96 -19.87 31.82
N LEU A 50 8.09 -20.89 30.99
CA LEU A 50 9.31 -21.70 30.87
C LEU A 50 9.67 -21.70 29.39
N LYS A 51 10.78 -21.04 29.06
CA LYS A 51 11.31 -21.06 27.68
C LYS A 51 12.39 -22.13 27.56
N VAL A 52 12.41 -22.84 26.47
CA VAL A 52 13.43 -23.89 26.23
CA VAL A 52 13.37 -23.93 26.22
C VAL A 52 13.92 -23.84 24.79
N GLU A 53 15.10 -24.34 24.62
CA GLU A 53 15.75 -24.55 23.32
C GLU A 53 16.47 -25.90 23.38
N SER A 54 16.56 -26.58 22.27
CA SER A 54 17.39 -27.79 22.20
C SER A 54 18.86 -27.41 22.43
N ALA A 55 19.61 -28.26 23.11
CA ALA A 55 21.05 -28.08 23.33
C ALA A 55 21.80 -28.34 22.02
N GLN A 56 21.15 -28.93 21.00
CA GLN A 56 21.79 -29.28 19.71
C GLN A 56 21.42 -28.33 18.56
N GLN A 57 20.49 -27.42 18.73
CA GLN A 57 20.02 -26.62 17.54
C GLN A 57 21.10 -25.61 17.14
N PRO A 58 21.19 -25.26 15.85
CA PRO A 58 22.29 -24.46 15.32
C PRO A 58 22.41 -23.06 15.98
N LYS A 59 21.29 -22.37 16.18
CA LYS A 59 21.29 -21.01 16.79
C LYS A 59 20.52 -21.05 18.12
N GLN A 60 21.24 -20.81 19.20
CA GLN A 60 20.66 -20.83 20.55
C GLN A 60 20.71 -19.38 21.06
N VAL A 61 19.63 -18.90 21.61
CA VAL A 61 19.56 -17.48 22.01
C VAL A 61 19.24 -17.37 23.50
N LEU A 62 19.01 -18.48 24.23
CA LEU A 62 18.56 -18.31 25.65
C LEU A 62 19.70 -17.74 26.50
N LYS A 63 20.97 -17.89 26.10
CA LYS A 63 22.08 -17.23 26.82
C LYS A 63 21.85 -15.72 26.80
N MET A 64 21.42 -15.19 25.67
CA MET A 64 21.13 -13.73 25.56
C MET A 64 19.88 -13.39 26.36
N GLU A 65 18.82 -14.20 26.25
CA GLU A 65 17.60 -14.01 27.02
C GLU A 65 17.96 -13.82 28.50
N VAL A 66 18.72 -14.75 29.08
CA VAL A 66 19.07 -14.71 30.54
C VAL A 66 19.88 -13.46 30.83
N ALA A 67 20.86 -13.13 30.00
CA ALA A 67 21.74 -11.97 30.27
C ALA A 67 20.86 -10.73 30.36
N VAL A 68 20.02 -10.51 29.36
CA VAL A 68 19.23 -9.25 29.31
C VAL A 68 18.17 -9.27 30.42
N LEU A 69 17.40 -10.36 30.58
CA LEU A 69 16.42 -10.45 31.69
C LEU A 69 17.09 -10.07 33.01
N LYS A 70 18.26 -10.64 33.30
CA LYS A 70 18.94 -10.33 34.59
C LYS A 70 19.30 -8.86 34.65
N LYS A 71 19.83 -8.29 33.57
CA LYS A 71 20.26 -6.87 33.58
C LYS A 71 19.05 -5.96 33.82
N LEU A 72 17.85 -6.38 33.47
CA LEU A 72 16.63 -5.51 33.53
C LEU A 72 15.85 -5.71 34.81
N GLN A 73 16.31 -6.55 35.72
CA GLN A 73 15.54 -6.79 36.95
C GLN A 73 15.49 -5.46 37.72
N GLY A 74 14.31 -5.14 38.26
CA GLY A 74 14.10 -3.85 38.95
C GLY A 74 13.44 -2.84 38.05
N LYS A 75 13.51 -3.04 36.73
CA LYS A 75 12.97 -2.09 35.74
C LYS A 75 11.52 -2.40 35.50
N ASP A 76 10.83 -1.45 34.92
CA ASP A 76 9.44 -1.62 34.48
C ASP A 76 9.40 -2.41 33.15
N HIS A 77 8.25 -2.97 32.87
CA HIS A 77 7.90 -3.58 31.55
C HIS A 77 8.68 -4.86 31.29
N VAL A 78 9.20 -5.48 32.31
CA VAL A 78 9.94 -6.76 32.09
CA VAL A 78 10.04 -6.71 32.19
C VAL A 78 9.46 -7.81 33.11
N CYS A 79 9.53 -9.03 32.68
CA CYS A 79 9.15 -10.20 33.49
C CYS A 79 10.13 -10.40 34.62
N ARG A 80 9.65 -10.81 35.76
CA ARG A 80 10.53 -11.23 36.88
CA ARG A 80 10.53 -11.22 36.87
C ARG A 80 11.30 -12.49 36.49
N PHE A 81 12.59 -12.48 36.69
CA PHE A 81 13.48 -13.64 36.48
C PHE A 81 13.26 -14.66 37.58
N ILE A 82 13.11 -15.93 37.20
CA ILE A 82 12.80 -17.03 38.18
C ILE A 82 13.85 -18.13 38.17
N GLY A 83 14.47 -18.44 37.05
CA GLY A 83 15.50 -19.47 37.02
C GLY A 83 16.06 -19.73 35.65
N CYS A 84 17.07 -20.56 35.58
CA CYS A 84 17.70 -20.92 34.28
C CYS A 84 18.63 -22.09 34.45
N GLY A 85 18.90 -22.80 33.37
CA GLY A 85 19.78 -23.96 33.43
C GLY A 85 20.11 -24.47 32.04
N ARG A 86 21.03 -25.43 32.00
CA ARG A 86 21.57 -26.00 30.77
C ARG A 86 21.81 -27.47 31.06
N ASN A 87 21.34 -28.35 30.19
CA ASN A 87 21.69 -29.80 30.30
C ASN A 87 21.94 -30.33 28.89
N ASP A 88 22.29 -31.61 28.81
CA ASP A 88 22.62 -32.31 27.56
C ASP A 88 21.50 -32.24 26.53
N ARG A 89 20.26 -32.11 26.98
CA ARG A 89 19.07 -32.19 26.10
C ARG A 89 18.62 -30.77 25.75
N PHE A 90 18.51 -29.90 26.74
CA PHE A 90 17.90 -28.56 26.52
C PHE A 90 18.52 -27.53 27.47
N ASN A 91 18.37 -26.28 27.08
CA ASN A 91 18.61 -25.11 27.93
C ASN A 91 17.27 -24.47 28.23
N TYR A 92 17.14 -23.81 29.37
CA TYR A 92 15.84 -23.27 29.79
C TYR A 92 16.01 -21.98 30.56
N VAL A 93 14.96 -21.16 30.52
CA VAL A 93 14.85 -19.93 31.34
C VAL A 93 13.43 -19.85 31.84
N VAL A 94 13.29 -19.49 33.11
CA VAL A 94 11.96 -19.40 33.78
C VAL A 94 11.69 -17.96 34.13
N MET A 95 10.51 -17.47 33.86
CA MET A 95 10.19 -16.05 34.15
C MET A 95 8.69 -15.89 34.33
N GLN A 96 8.31 -14.73 34.79
CA GLN A 96 6.91 -14.40 35.08
C GLN A 96 6.01 -14.68 33.86
N LEU A 97 4.88 -15.34 34.11
CA LEU A 97 3.84 -15.57 33.08
C LEU A 97 2.99 -14.30 32.94
N GLN A 98 2.78 -13.85 31.71
CA GLN A 98 1.93 -12.69 31.41
C GLN A 98 0.66 -13.14 30.72
N GLY A 99 -0.12 -12.15 30.26
CA GLY A 99 -1.46 -12.38 29.72
C GLY A 99 -1.53 -12.25 28.20
N ARG A 100 -2.51 -11.50 27.74
CA ARG A 100 -2.86 -11.44 26.30
CA ARG A 100 -2.84 -11.45 26.30
C ARG A 100 -1.78 -10.63 25.54
N ASN A 101 -1.34 -11.19 24.46
CA ASN A 101 -0.31 -10.71 23.57
C ASN A 101 -0.84 -9.61 22.65
N LEU A 102 -0.07 -8.54 22.40
CA LEU A 102 -0.62 -7.42 21.62
C LEU A 102 -0.95 -7.85 20.21
N ALA A 103 -0.22 -8.80 19.65
CA ALA A 103 -0.53 -9.26 18.27
C ALA A 103 -1.94 -9.85 18.25
N ASP A 104 -2.25 -10.68 19.23
CA ASP A 104 -3.59 -11.31 19.33
C ASP A 104 -4.65 -10.23 19.58
N LEU A 105 -4.37 -9.29 20.47
CA LEU A 105 -5.38 -8.27 20.82
C LEU A 105 -5.68 -7.42 19.59
N ARG A 106 -4.66 -7.07 18.81
CA ARG A 106 -4.88 -6.23 17.62
C ARG A 106 -5.74 -7.00 16.61
N ARG A 107 -5.44 -8.27 16.42
CA ARG A 107 -6.13 -9.08 15.40
C ARG A 107 -7.61 -9.29 15.79
N SER A 108 -7.95 -9.22 17.08
CA SER A 108 -9.33 -9.35 17.59
C SER A 108 -10.17 -8.10 17.32
N GLN A 109 -9.54 -6.98 17.01
CA GLN A 109 -10.28 -5.74 16.70
C GLN A 109 -10.95 -5.86 15.33
N SER A 110 -12.09 -5.20 15.20
CA SER A 110 -12.66 -4.81 13.89
C SER A 110 -11.57 -4.11 13.09
N ARG A 111 -11.31 -4.60 11.90
CA ARG A 111 -10.37 -3.98 10.93
C ARG A 111 -8.94 -4.01 11.45
N GLY A 112 -8.67 -4.68 12.58
CA GLY A 112 -7.31 -4.83 13.08
C GLY A 112 -6.72 -3.49 13.53
N THR A 113 -7.58 -2.57 13.97
CA THR A 113 -7.12 -1.24 14.46
C THR A 113 -7.41 -1.08 15.94
N PHE A 114 -6.53 -0.37 16.62
CA PHE A 114 -6.80 0.19 17.97
C PHE A 114 -7.16 1.66 17.81
N THR A 115 -7.92 2.17 18.76
CA THR A 115 -8.18 3.61 18.87
C THR A 115 -6.89 4.36 19.14
N ILE A 116 -6.93 5.65 18.96
CA ILE A 116 -5.76 6.50 19.27
CA ILE A 116 -5.81 6.56 19.30
C ILE A 116 -5.51 6.44 20.79
N SER A 117 -6.54 6.34 21.61
CA SER A 117 -6.38 6.24 23.08
C SER A 117 -5.52 5.02 23.41
N THR A 118 -5.90 3.84 22.93
CA THR A 118 -5.18 2.61 23.24
C THR A 118 -3.79 2.71 22.59
N THR A 119 -3.70 3.20 21.36
CA THR A 119 -2.41 3.27 20.61
C THR A 119 -1.41 4.11 21.40
N LEU A 120 -1.83 5.30 21.84
CA LEU A 120 -0.90 6.23 22.50
C LEU A 120 -0.41 5.62 23.81
N ARG A 121 -1.29 5.02 24.59
CA ARG A 121 -0.89 4.47 25.90
C ARG A 121 0.06 3.29 25.72
N LEU A 122 -0.26 2.36 24.85
CA LEU A 122 0.64 1.24 24.53
C LEU A 122 1.96 1.77 24.00
N GLY A 123 1.92 2.71 23.04
CA GLY A 123 3.12 3.27 22.43
C GLY A 123 4.03 3.85 23.46
N ARG A 124 3.45 4.58 24.41
CA ARG A 124 4.30 5.22 25.44
C ARG A 124 4.95 4.14 26.31
N GLN A 125 4.22 3.10 26.68
CA GLN A 125 4.77 2.00 27.51
C GLN A 125 5.87 1.32 26.71
N ILE A 126 5.64 1.05 25.44
CA ILE A 126 6.66 0.39 24.60
C ILE A 126 7.90 1.28 24.50
N LEU A 127 7.73 2.57 24.30
CA LEU A 127 8.92 3.46 24.26
C LEU A 127 9.65 3.37 25.58
N GLU A 128 8.93 3.40 26.71
CA GLU A 128 9.61 3.24 28.03
C GLU A 128 10.46 1.97 28.00
N SER A 129 9.92 0.87 27.53
CA SER A 129 10.63 -0.44 27.53
C SER A 129 11.87 -0.40 26.62
N ILE A 130 11.80 0.33 25.53
CA ILE A 130 12.94 0.48 24.59
C ILE A 130 14.01 1.33 25.24
N GLU A 131 13.66 2.47 25.84
CA GLU A 131 14.68 3.30 26.49
C GLU A 131 15.33 2.49 27.61
N SER A 132 14.56 1.67 28.32
CA SER A 132 15.08 0.83 29.43
CA SER A 132 15.10 0.84 29.43
C SER A 132 16.13 -0.18 28.92
N ILE A 133 15.81 -0.93 27.88
CA ILE A 133 16.80 -1.93 27.39
C ILE A 133 18.01 -1.19 26.84
N HIS A 134 17.83 -0.09 26.15
CA HIS A 134 18.99 0.69 25.67
C HIS A 134 19.87 1.14 26.84
N SER A 135 19.22 1.50 27.95
CA SER A 135 19.90 2.10 29.11
C SER A 135 20.84 1.09 29.78
N VAL A 136 20.62 -0.21 29.60
CA VAL A 136 21.51 -1.26 30.17
C VAL A 136 22.44 -1.79 29.08
N GLY A 137 22.44 -1.17 27.89
CA GLY A 137 23.47 -1.39 26.87
C GLY A 137 23.08 -2.44 25.83
N PHE A 138 21.81 -2.76 25.70
CA PHE A 138 21.37 -3.76 24.69
C PHE A 138 20.39 -3.11 23.72
N LEU A 139 20.47 -3.56 22.48
CA LEU A 139 19.47 -3.31 21.45
C LEU A 139 18.53 -4.51 21.42
N HIS A 140 17.27 -4.27 21.18
CA HIS A 140 16.29 -5.36 21.10
C HIS A 140 16.36 -6.05 19.73
N ARG A 141 16.23 -5.28 18.67
CA ARG A 141 16.43 -5.70 17.27
C ARG A 141 15.26 -6.50 16.74
N ASP A 142 14.20 -6.72 17.54
CA ASP A 142 13.06 -7.56 17.10
C ASP A 142 11.76 -6.97 17.65
N ILE A 143 11.62 -5.64 17.64
CA ILE A 143 10.41 -4.97 18.15
C ILE A 143 9.22 -5.28 17.22
N LYS A 144 8.21 -5.96 17.74
CA LYS A 144 7.01 -6.37 16.98
C LYS A 144 5.93 -6.66 18.00
N PRO A 145 4.65 -6.66 17.60
CA PRO A 145 3.57 -6.76 18.59
C PRO A 145 3.57 -8.07 19.42
N SER A 146 3.99 -9.19 18.83
CA SER A 146 4.00 -10.50 19.53
C SER A 146 5.10 -10.61 20.58
N ASN A 147 5.96 -9.61 20.70
CA ASN A 147 6.96 -9.56 21.79
C ASN A 147 6.48 -8.69 22.95
N PHE A 148 5.20 -8.38 23.01
CA PHE A 148 4.61 -7.58 24.09
C PHE A 148 3.28 -8.21 24.54
N ALA A 149 3.05 -8.21 25.82
CA ALA A 149 1.75 -8.67 26.38
C ALA A 149 1.38 -7.84 27.56
N MET A 150 0.08 -7.77 27.80
CA MET A 150 -0.45 -7.18 29.03
C MET A 150 -0.31 -8.21 30.15
N GLY A 151 -0.31 -7.74 31.38
CA GLY A 151 -0.23 -8.65 32.55
C GLY A 151 -1.53 -9.46 32.68
N ARG A 152 -1.53 -10.49 33.53
CA ARG A 152 -2.68 -11.38 33.63
C ARG A 152 -3.41 -11.25 34.98
N PHE A 153 -3.04 -10.30 35.83
CA PHE A 153 -3.74 -10.03 37.11
C PHE A 153 -4.35 -8.65 37.09
N PRO A 154 -5.29 -8.37 38.04
CA PRO A 154 -5.86 -7.03 38.12
C PRO A 154 -4.77 -5.97 38.25
N SER A 155 -3.73 -6.25 39.04
CA SER A 155 -2.64 -5.27 39.32
C SER A 155 -1.65 -5.15 38.16
N THR A 156 -1.66 -6.03 37.16
CA THR A 156 -0.67 -6.03 36.06
C THR A 156 -1.32 -5.95 34.67
N CYS A 157 -2.63 -6.11 34.56
CA CYS A 157 -3.26 -6.21 33.23
C CYS A 157 -3.34 -4.86 32.51
N ARG A 158 -2.97 -3.74 33.16
CA ARG A 158 -2.88 -2.42 32.47
C ARG A 158 -1.43 -2.08 32.16
N LYS A 159 -0.51 -3.02 32.45
CA LYS A 159 0.94 -2.88 32.19
C LYS A 159 1.29 -3.74 30.99
N CYS A 160 2.04 -3.19 30.08
CA CYS A 160 2.58 -3.87 28.91
C CYS A 160 4.02 -4.32 29.17
N TYR A 161 4.33 -5.58 28.95
CA TYR A 161 5.63 -6.20 29.22
C TYR A 161 6.30 -6.59 27.89
N MET A 162 7.58 -6.25 27.81
CA MET A 162 8.50 -6.73 26.77
C MET A 162 8.84 -8.17 27.14
N LEU A 163 8.54 -9.13 26.28
CA LEU A 163 8.45 -10.56 26.65
C LEU A 163 9.71 -11.35 26.30
N ASP A 164 10.55 -10.92 25.37
CA ASP A 164 11.58 -11.78 24.77
C ASP A 164 12.77 -10.91 24.38
N PHE A 165 13.97 -11.45 24.50
CA PHE A 165 15.22 -10.71 24.19
C PHE A 165 16.17 -11.56 23.40
N GLY A 166 15.67 -12.57 22.72
CA GLY A 166 16.52 -13.56 22.05
C GLY A 166 17.44 -12.96 21.00
N LEU A 167 16.97 -11.92 20.32
CA LEU A 167 17.71 -11.38 19.14
C LEU A 167 18.50 -10.14 19.58
N ALA A 168 18.54 -9.86 20.88
CA ALA A 168 19.28 -8.66 21.41
C ALA A 168 20.77 -8.74 21.11
N ARG A 169 21.40 -7.57 21.11
CA ARG A 169 22.87 -7.46 20.99
C ARG A 169 23.32 -6.40 21.95
N GLN A 170 24.42 -6.63 22.64
CA GLN A 170 25.07 -5.57 23.47
C GLN A 170 25.73 -4.58 22.54
N PHE A 171 25.42 -3.29 22.68
CA PHE A 171 25.91 -2.26 21.74
C PHE A 171 26.94 -1.36 22.41
N THR A 172 27.18 -1.53 23.71
CA THR A 172 28.18 -0.68 24.44
C THR A 172 29.28 -1.57 25.03
N ASN A 173 30.43 -0.98 25.29
CA ASN A 173 31.64 -1.71 25.76
C ASN A 173 32.46 -0.77 26.64
N SER A 174 33.36 -1.32 27.45
CA SER A 174 33.96 -0.64 28.63
C SER A 174 32.82 -0.18 29.57
N CYS A 175 32.64 1.14 29.72
CA CYS A 175 31.67 1.78 30.65
C CYS A 175 30.62 2.56 29.86
N GLY A 176 30.23 2.08 28.67
CA GLY A 176 29.06 2.59 27.93
C GLY A 176 29.45 3.37 26.68
N ASP A 177 30.68 3.19 26.17
CA ASP A 177 31.11 3.59 24.79
C ASP A 177 30.31 2.73 23.75
N VAL A 178 29.78 3.33 22.69
CA VAL A 178 29.14 2.60 21.56
C VAL A 178 30.19 1.75 20.82
N ARG A 179 29.93 0.47 20.61
CA ARG A 179 30.91 -0.45 20.03
C ARG A 179 30.98 -0.19 18.53
N PRO A 180 32.20 -0.23 17.95
CA PRO A 180 32.34 -0.07 16.52
C PRO A 180 31.47 -1.07 15.78
N PRO A 181 30.72 -0.58 14.77
CA PRO A 181 29.79 -1.43 14.07
C PRO A 181 30.53 -2.39 13.15
N ARG A 182 29.94 -3.54 12.92
CA ARG A 182 30.48 -4.48 11.91
C ARG A 182 30.13 -3.95 10.53
N ALA A 183 30.92 -4.32 9.53
CA ALA A 183 30.76 -3.92 8.12
C ALA A 183 29.45 -4.50 7.58
N VAL A 184 29.14 -5.73 7.97
CA VAL A 184 27.93 -6.52 7.57
C VAL A 184 27.35 -7.14 8.84
N ALA A 185 26.03 -7.08 9.02
CA ALA A 185 25.33 -7.75 10.13
C ALA A 185 24.11 -8.42 9.54
N GLY A 186 24.10 -9.74 9.57
CA GLY A 186 23.00 -10.56 9.00
C GLY A 186 21.78 -10.43 9.85
N PHE A 187 20.70 -9.86 9.32
CA PHE A 187 19.43 -9.62 10.03
C PHE A 187 18.62 -10.90 10.18
N ARG A 188 18.12 -11.18 11.39
CA ARG A 188 17.33 -12.40 11.70
C ARG A 188 15.96 -12.04 12.30
N GLY A 189 15.58 -10.74 12.31
CA GLY A 189 14.28 -10.26 12.83
C GLY A 189 13.13 -10.39 11.82
N THR A 190 12.04 -9.62 11.99
CA THR A 190 10.79 -9.79 11.24
C THR A 190 10.77 -8.78 10.12
N VAL A 191 10.54 -9.23 8.91
CA VAL A 191 10.57 -8.31 7.75
C VAL A 191 9.55 -7.17 7.97
N ARG A 192 8.36 -7.46 8.48
CA ARG A 192 7.29 -6.45 8.41
C ARG A 192 7.72 -5.16 9.16
N TYR A 193 8.35 -5.28 10.34
CA TYR A 193 8.60 -4.11 11.21
C TYR A 193 10.07 -3.69 11.14
N ALA A 194 10.86 -4.34 10.31
CA ALA A 194 12.34 -4.09 10.31
C ALA A 194 12.65 -2.74 9.68
N SER A 195 13.64 -2.02 10.22
CA SER A 195 14.08 -0.76 9.61
C SER A 195 14.85 -1.02 8.30
N ILE A 196 15.00 0.02 7.49
CA ILE A 196 15.85 -0.01 6.29
C ILE A 196 17.23 -0.59 6.63
N ASN A 197 17.80 -0.28 7.79
CA ASN A 197 19.18 -0.72 8.12
C ASN A 197 19.23 -2.23 8.24
N ALA A 198 18.21 -2.85 8.84
CA ALA A 198 18.11 -4.32 8.91
C ALA A 198 18.08 -4.87 7.48
N HIS A 199 17.25 -4.28 6.59
CA HIS A 199 17.11 -4.70 5.17
C HIS A 199 18.46 -4.64 4.46
N ARG A 200 19.29 -3.66 4.83
CA ARG A 200 20.62 -3.40 4.19
C ARG A 200 21.72 -4.26 4.83
N ASN A 201 21.42 -5.06 5.84
CA ASN A 201 22.40 -5.87 6.59
C ASN A 201 23.48 -4.96 7.16
N ARG A 202 23.06 -3.82 7.64
CA ARG A 202 23.92 -2.88 8.40
C ARG A 202 23.81 -3.24 9.88
N GLU A 203 24.82 -2.88 10.64
CA GLU A 203 24.73 -2.96 12.10
C GLU A 203 23.56 -2.12 12.58
N MET A 204 22.65 -2.69 13.37
CA MET A 204 21.49 -1.99 13.88
C MET A 204 21.87 -1.14 15.09
N GLY A 205 21.18 -0.05 15.25
CA GLY A 205 21.40 0.89 16.36
C GLY A 205 20.13 1.12 17.18
N ARG A 206 20.21 2.02 18.15
CA ARG A 206 19.07 2.36 19.01
C ARG A 206 17.92 2.87 18.13
N HIS A 207 18.20 3.63 17.12
CA HIS A 207 17.16 4.24 16.25
C HIS A 207 16.36 3.14 15.51
N ASP A 208 16.97 2.00 15.21
CA ASP A 208 16.30 0.89 14.46
C ASP A 208 15.18 0.31 15.31
N ASP A 209 15.34 0.27 16.63
CA ASP A 209 14.24 -0.15 17.51
C ASP A 209 13.14 0.90 17.50
N LEU A 210 13.47 2.19 17.36
CA LEU A 210 12.44 3.25 17.32
C LEU A 210 11.74 3.23 15.96
N TRP A 211 12.44 2.94 14.86
CA TRP A 211 11.76 2.70 13.54
C TRP A 211 10.71 1.58 13.71
N SER A 212 11.09 0.47 14.32
CA SER A 212 10.14 -0.66 14.47
C SER A 212 8.94 -0.22 15.31
N LEU A 213 9.17 0.55 16.37
CA LEU A 213 8.04 1.09 17.16
C LEU A 213 7.16 1.97 16.28
N PHE A 214 7.74 2.83 15.45
CA PHE A 214 6.96 3.72 14.55
C PHE A 214 6.06 2.86 13.65
N TYR A 215 6.62 1.79 13.06
CA TYR A 215 5.84 0.89 12.17
C TYR A 215 4.71 0.22 13.00
N MET A 216 5.01 -0.23 14.22
CA MET A 216 3.95 -0.86 15.06
CA MET A 216 3.97 -0.86 15.08
C MET A 216 2.83 0.16 15.33
N LEU A 217 3.16 1.40 15.68
CA LEU A 217 2.13 2.44 15.99
C LEU A 217 1.28 2.69 14.74
N VAL A 218 1.91 2.83 13.58
CA VAL A 218 1.14 3.05 12.34
C VAL A 218 0.23 1.86 12.11
N GLU A 219 0.75 0.65 12.25
CA GLU A 219 -0.12 -0.53 12.03
C GLU A 219 -1.30 -0.53 13.04
N PHE A 220 -1.04 -0.17 14.28
CA PHE A 220 -2.11 -0.07 15.30
C PHE A 220 -3.24 0.84 14.83
N VAL A 221 -2.93 2.02 14.28
CA VAL A 221 -3.97 3.04 13.97
C VAL A 221 -4.61 2.77 12.62
N VAL A 222 -3.85 2.31 11.63
CA VAL A 222 -4.28 2.10 10.22
C VAL A 222 -4.79 0.66 10.02
N GLY A 223 -4.21 -0.30 10.74
CA GLY A 223 -4.59 -1.72 10.61
C GLY A 223 -3.68 -2.48 9.66
N GLN A 224 -2.81 -1.78 8.94
CA GLN A 224 -1.90 -2.42 7.96
C GLN A 224 -0.78 -1.46 7.63
N LEU A 225 0.31 -2.03 7.18
CA LEU A 225 1.47 -1.31 6.64
C LEU A 225 1.48 -1.44 5.12
N PRO A 226 2.14 -0.51 4.44
CA PRO A 226 2.07 -0.46 2.98
C PRO A 226 2.62 -1.68 2.24
N TRP A 227 3.49 -2.42 2.94
CA TRP A 227 4.17 -3.65 2.44
C TRP A 227 3.52 -4.91 3.03
N ARG A 228 2.27 -4.82 3.49
CA ARG A 228 1.54 -5.96 4.09
C ARG A 228 1.56 -7.16 3.14
N LYS A 229 1.33 -6.96 1.83
CA LYS A 229 1.08 -8.11 0.92
C LYS A 229 2.38 -8.57 0.25
N ILE A 230 3.49 -7.91 0.52
CA ILE A 230 4.79 -8.21 -0.16
C ILE A 230 5.57 -9.20 0.72
N LYS A 231 5.84 -10.40 0.19
CA LYS A 231 6.52 -11.54 0.91
C LYS A 231 8.04 -11.44 0.76
N ASP A 232 8.52 -11.01 -0.40
CA ASP A 232 9.95 -10.95 -0.72
C ASP A 232 10.64 -9.87 0.12
N LYS A 233 11.61 -10.26 0.93
CA LYS A 233 12.31 -9.37 1.86
C LYS A 233 12.95 -8.20 1.09
N GLU A 234 13.61 -8.47 -0.02
CA GLU A 234 14.31 -7.42 -0.81
C GLU A 234 13.28 -6.44 -1.39
N GLN A 235 12.10 -6.93 -1.78
CA GLN A 235 11.02 -6.07 -2.33
C GLN A 235 10.48 -5.17 -1.21
N VAL A 236 10.32 -5.71 -0.02
CA VAL A 236 9.92 -4.89 1.16
C VAL A 236 10.98 -3.81 1.39
N GLY A 237 12.27 -4.18 1.38
CA GLY A 237 13.36 -3.23 1.63
C GLY A 237 13.34 -2.08 0.64
N SER A 238 13.15 -2.41 -0.62
CA SER A 238 13.11 -1.41 -1.72
CA SER A 238 13.11 -1.41 -1.72
C SER A 238 11.96 -0.43 -1.47
N ILE A 239 10.81 -0.94 -1.05
CA ILE A 239 9.67 -0.05 -0.74
C ILE A 239 10.06 0.91 0.40
N LYS A 240 10.62 0.37 1.47
CA LYS A 240 10.94 1.19 2.65
C LYS A 240 11.99 2.24 2.25
N GLU A 241 12.98 1.88 1.43
CA GLU A 241 14.08 2.80 1.05
C GLU A 241 13.50 4.04 0.39
N ARG A 242 12.43 3.90 -0.41
CA ARG A 242 11.88 4.97 -1.27
C ARG A 242 10.69 5.66 -0.57
N TYR A 243 10.15 5.04 0.47
CA TYR A 243 8.81 5.41 0.98
C TYR A 243 8.90 6.80 1.64
N ASP A 244 7.95 7.66 1.37
CA ASP A 244 7.79 8.94 2.09
C ASP A 244 7.06 8.67 3.40
N HIS A 245 7.79 8.51 4.49
CA HIS A 245 7.18 8.13 5.78
C HIS A 245 6.26 9.22 6.32
N ARG A 246 6.32 10.44 5.80
CA ARG A 246 5.34 11.49 6.16
C ARG A 246 3.91 11.03 5.85
N LEU A 247 3.72 10.18 4.84
CA LEU A 247 2.36 9.68 4.52
C LEU A 247 1.77 8.97 5.74
N MET A 248 2.62 8.43 6.60
CA MET A 248 2.13 7.63 7.75
C MET A 248 1.66 8.54 8.87
N LEU A 249 1.92 9.84 8.78
CA LEU A 249 1.50 10.82 9.81
C LEU A 249 0.01 11.11 9.75
N LYS A 250 -0.64 10.83 8.62
CA LYS A 250 -2.05 11.19 8.37
C LYS A 250 -2.94 10.79 9.56
N HIS A 251 -2.81 9.58 10.08
CA HIS A 251 -3.76 9.08 11.12
C HIS A 251 -3.13 9.14 12.50
N LEU A 252 -1.96 9.75 12.63
CA LEU A 252 -1.35 9.95 13.97
C LEU A 252 -1.55 11.39 14.43
N PRO A 253 -1.53 11.61 15.77
CA PRO A 253 -1.61 12.97 16.30
C PRO A 253 -0.52 13.84 15.69
N PRO A 254 -0.73 15.17 15.57
CA PRO A 254 0.20 16.05 14.88
C PRO A 254 1.65 16.01 15.36
N GLU A 255 1.88 15.81 16.67
CA GLU A 255 3.26 15.87 17.17
C GLU A 255 4.07 14.67 16.69
N PHE A 256 3.45 13.66 16.07
CA PHE A 256 4.27 12.56 15.50
C PHE A 256 5.16 13.05 14.36
N SER A 257 4.90 14.22 13.77
CA SER A 257 5.86 14.81 12.80
C SER A 257 7.22 15.02 13.49
N ILE A 258 7.21 15.43 14.76
CA ILE A 258 8.43 15.64 15.55
C ILE A 258 9.10 14.30 15.78
N PHE A 259 8.34 13.28 16.13
CA PHE A 259 8.86 11.91 16.34
C PHE A 259 9.57 11.42 15.09
N LEU A 260 8.89 11.51 13.94
CA LEU A 260 9.42 10.99 12.68
C LEU A 260 10.63 11.83 12.27
N ASP A 261 10.56 13.15 12.34
CA ASP A 261 11.74 13.99 11.97
CA ASP A 261 11.73 14.01 11.99
C ASP A 261 12.93 13.59 12.85
N HIS A 262 12.69 13.38 14.13
CA HIS A 262 13.79 13.02 15.06
C HIS A 262 14.42 11.69 14.67
N ILE A 263 13.64 10.63 14.55
CA ILE A 263 14.22 9.30 14.30
C ILE A 263 14.84 9.31 12.89
N SER A 264 14.33 10.09 11.95
CA SER A 264 14.92 10.17 10.59
C SER A 264 16.33 10.75 10.66
N SER A 265 16.59 11.61 11.64
CA SER A 265 17.88 12.34 11.81
C SER A 265 18.94 11.43 12.41
N LEU A 266 18.55 10.29 12.97
CA LEU A 266 19.47 9.49 13.79
C LEU A 266 20.29 8.56 12.91
N ASP A 267 21.38 8.05 13.46
CA ASP A 267 22.19 6.96 12.85
C ASP A 267 22.77 6.13 13.99
N TYR A 268 23.58 5.13 13.66
CA TYR A 268 24.09 4.15 14.68
C TYR A 268 24.79 4.89 15.82
N PHE A 269 25.47 5.98 15.49
CA PHE A 269 26.39 6.63 16.46
C PHE A 269 25.68 7.75 17.22
N THR A 270 24.39 7.97 17.02
CA THR A 270 23.69 9.15 17.58
C THR A 270 22.70 8.68 18.63
N LYS A 271 22.88 9.09 19.88
CA LYS A 271 21.93 8.69 20.95
C LYS A 271 20.58 9.37 20.67
N PRO A 272 19.47 8.62 20.75
CA PRO A 272 18.15 9.23 20.61
C PRO A 272 17.90 10.27 21.69
N ASP A 273 17.10 11.26 21.36
CA ASP A 273 16.52 12.21 22.35
C ASP A 273 15.26 11.58 22.92
N TYR A 274 15.40 10.67 23.89
CA TYR A 274 14.25 9.93 24.41
C TYR A 274 13.27 10.94 25.03
N GLN A 275 13.73 12.00 25.69
CA GLN A 275 12.78 12.93 26.37
C GLN A 275 11.91 13.63 25.31
N LEU A 276 12.48 13.97 24.16
CA LEU A 276 11.70 14.54 23.04
C LEU A 276 10.62 13.54 22.60
N LEU A 277 11.01 12.30 22.35
CA LEU A 277 10.05 11.27 21.87
C LEU A 277 8.98 11.02 22.94
N THR A 278 9.36 11.00 24.23
CA THR A 278 8.37 10.81 25.31
C THR A 278 7.37 12.00 25.28
N SER A 279 7.87 13.23 25.07
CA SER A 279 6.98 14.42 25.05
C SER A 279 5.95 14.33 23.94
N VAL A 280 6.28 13.71 22.81
CA VAL A 280 5.31 13.51 21.73
C VAL A 280 4.12 12.71 22.29
N PHE A 281 4.37 11.63 22.99
CA PHE A 281 3.30 10.80 23.59
C PHE A 281 2.59 11.59 24.67
N ASP A 282 3.33 12.23 25.55
CA ASP A 282 2.70 12.94 26.70
C ASP A 282 1.79 14.07 26.15
N ASN A 283 2.28 14.84 25.22
CA ASN A 283 1.53 15.99 24.65
C ASN A 283 0.31 15.48 23.91
N SER A 284 0.46 14.41 23.14
CA SER A 284 -0.66 13.83 22.35
C SER A 284 -1.75 13.34 23.29
N ILE A 285 -1.37 12.64 24.36
CA ILE A 285 -2.30 12.07 25.36
C ILE A 285 -3.09 13.21 26.02
N LYS A 286 -2.43 14.31 26.32
CA LYS A 286 -3.15 15.45 26.93
C LYS A 286 -4.09 16.09 25.91
N THR A 287 -3.63 16.32 24.70
CA THR A 287 -4.47 16.92 23.62
C THR A 287 -5.74 16.12 23.40
N PHE A 288 -5.65 14.79 23.46
CA PHE A 288 -6.78 13.90 23.14
C PHE A 288 -7.61 13.59 24.42
N GLY A 289 -7.21 14.14 25.58
CA GLY A 289 -7.90 14.01 26.87
C GLY A 289 -7.88 12.57 27.37
N VAL A 290 -6.86 11.82 26.99
CA VAL A 290 -6.71 10.39 27.41
C VAL A 290 -6.29 10.34 28.88
N ILE A 291 -6.95 9.53 29.70
CA ILE A 291 -6.51 9.26 31.10
C ILE A 291 -6.21 7.76 31.22
N GLU A 292 -5.29 7.39 32.12
CA GLU A 292 -4.76 5.99 32.22
C GLU A 292 -5.90 5.01 32.49
N SER A 293 -6.91 5.41 33.24
CA SER A 293 -8.04 4.52 33.67
C SER A 293 -9.07 4.30 32.55
N ASP A 294 -8.99 5.01 31.44
CA ASP A 294 -9.93 4.83 30.31
C ASP A 294 -9.83 3.38 29.88
N PRO A 295 -10.94 2.72 29.52
CA PRO A 295 -10.87 1.38 29.02
C PRO A 295 -9.94 1.28 27.80
N PHE A 296 -9.13 0.24 27.77
CA PHE A 296 -8.46 -0.19 26.52
C PHE A 296 -9.54 -0.77 25.62
N ASP A 297 -9.20 -0.89 24.35
CA ASP A 297 -10.17 -1.33 23.32
C ASP A 297 -10.70 -2.74 23.63
N TRP A 298 -9.89 -3.63 24.17
CA TRP A 298 -10.30 -5.02 24.46
C TRP A 298 -11.16 -5.12 25.74
N GLU A 299 -11.32 -4.04 26.51
CA GLU A 299 -12.15 -4.04 27.75
C GLU A 299 -13.56 -3.57 27.46
N LYS A 300 -13.78 -2.98 26.28
CA LYS A 300 -14.83 -1.96 26.00
C LYS A 300 -14.34 -1.11 24.84
N GLN B 8 -16.23 -12.93 -27.53
CA GLN B 8 -17.50 -13.34 -26.87
C GLN B 8 -18.65 -13.25 -27.88
N PRO B 9 -19.57 -14.25 -27.98
CA PRO B 9 -20.72 -14.15 -28.88
C PRO B 9 -21.67 -13.02 -28.44
N ASP B 10 -22.23 -12.27 -29.40
CA ASP B 10 -23.16 -11.17 -29.05
C ASP B 10 -24.40 -11.78 -28.38
N ILE B 11 -24.92 -11.07 -27.42
CA ILE B 11 -26.09 -11.43 -26.58
C ILE B 11 -27.33 -10.67 -27.06
N LEU B 12 -27.19 -9.43 -27.53
CA LEU B 12 -28.33 -8.70 -28.13
C LEU B 12 -28.18 -8.71 -29.64
N SER B 13 -29.09 -8.03 -30.29
CA SER B 13 -29.21 -7.92 -31.73
C SER B 13 -29.94 -6.64 -32.02
N VAL B 14 -29.68 -6.06 -33.16
CA VAL B 14 -30.43 -4.85 -33.56
C VAL B 14 -31.91 -5.15 -33.55
N GLY B 15 -32.68 -4.22 -32.97
CA GLY B 15 -34.16 -4.25 -32.88
C GLY B 15 -34.68 -4.69 -31.53
N ILE B 16 -33.87 -5.33 -30.70
CA ILE B 16 -34.24 -5.78 -29.34
C ILE B 16 -34.63 -4.58 -28.49
N LEU B 17 -35.64 -4.73 -27.65
CA LEU B 17 -36.04 -3.70 -26.67
C LEU B 17 -35.55 -4.15 -25.32
N VAL B 18 -34.78 -3.33 -24.62
CA VAL B 18 -34.29 -3.63 -23.25
C VAL B 18 -35.15 -2.88 -22.25
N LYS B 19 -35.77 -3.61 -21.33
CA LYS B 19 -36.60 -3.02 -20.24
C LYS B 19 -37.72 -2.16 -20.85
N GLU B 20 -38.31 -2.57 -21.99
CA GLU B 20 -39.44 -1.88 -22.65
C GLU B 20 -39.10 -0.42 -22.93
N ARG B 21 -37.83 -0.08 -23.02
CA ARG B 21 -37.44 1.37 -23.07
C ARG B 21 -36.34 1.64 -24.10
N TRP B 22 -35.29 0.84 -24.14
CA TRP B 22 -34.14 1.12 -25.02
C TRP B 22 -34.17 0.17 -26.20
N LYS B 23 -34.42 0.70 -27.39
CA LYS B 23 -34.46 -0.10 -28.60
C LYS B 23 -33.06 -0.11 -29.21
N VAL B 24 -32.46 -1.28 -29.32
CA VAL B 24 -31.13 -1.43 -29.92
C VAL B 24 -31.18 -1.03 -31.39
N LEU B 25 -30.37 -0.06 -31.83
CA LEU B 25 -30.45 0.41 -33.24
C LEU B 25 -29.25 -0.06 -34.07
N ARG B 26 -28.05 -0.02 -33.49
CA ARG B 26 -26.83 -0.21 -34.30
C ARG B 26 -25.68 -0.59 -33.38
N LYS B 27 -24.96 -1.61 -33.78
CA LYS B 27 -23.74 -1.99 -33.04
C LYS B 27 -22.67 -0.96 -33.34
N ILE B 28 -22.01 -0.50 -32.32
CA ILE B 28 -20.93 0.52 -32.50
C ILE B 28 -19.61 0.01 -31.92
N GLY B 29 -19.63 -1.10 -31.20
CA GLY B 29 -18.42 -1.64 -30.57
C GLY B 29 -18.57 -3.13 -30.31
N GLY B 30 -17.50 -3.86 -30.67
CA GLY B 30 -17.24 -5.29 -30.43
C GLY B 30 -15.77 -5.52 -30.06
N GLY B 31 -15.17 -6.62 -30.52
CA GLY B 31 -13.80 -7.04 -30.14
C GLY B 31 -13.62 -6.95 -28.63
N GLY B 32 -12.49 -6.37 -28.19
CA GLY B 32 -12.09 -6.23 -26.77
C GLY B 32 -12.73 -5.00 -26.12
N PHE B 33 -13.40 -4.14 -26.90
CA PHE B 33 -14.22 -3.00 -26.39
C PHE B 33 -15.52 -3.53 -25.79
N GLY B 34 -15.86 -4.82 -25.99
CA GLY B 34 -17.13 -5.39 -25.47
C GLY B 34 -18.31 -5.13 -26.42
N GLU B 35 -19.51 -5.44 -25.99
CA GLU B 35 -20.72 -5.33 -26.86
C GLU B 35 -21.45 -4.02 -26.55
N ILE B 36 -21.44 -3.09 -27.50
CA ILE B 36 -21.97 -1.74 -27.27
C ILE B 36 -22.82 -1.30 -28.47
N TYR B 37 -23.94 -0.65 -28.14
CA TYR B 37 -24.92 -0.23 -29.17
C TYR B 37 -25.27 1.23 -29.04
N ASP B 38 -25.62 1.82 -30.17
CA ASP B 38 -26.49 3.02 -30.23
C ASP B 38 -27.93 2.52 -30.06
N ALA B 39 -28.63 3.01 -29.07
CA ALA B 39 -30.00 2.59 -28.75
C ALA B 39 -30.89 3.84 -28.72
N LEU B 40 -32.14 3.65 -29.04
CA LEU B 40 -33.19 4.70 -28.90
C LEU B 40 -33.79 4.59 -27.49
N ASP B 41 -33.62 5.64 -26.69
CA ASP B 41 -34.32 5.76 -25.39
C ASP B 41 -35.74 6.24 -25.68
N MET B 42 -36.72 5.37 -25.56
CA MET B 42 -38.12 5.72 -25.93
CA MET B 42 -38.10 5.75 -25.97
C MET B 42 -38.72 6.68 -24.92
N LEU B 43 -38.15 6.77 -23.74
CA LEU B 43 -38.64 7.76 -22.73
C LEU B 43 -38.27 9.17 -23.17
N THR B 44 -37.02 9.41 -23.56
CA THR B 44 -36.49 10.77 -23.82
C THR B 44 -36.40 11.09 -25.34
N ARG B 45 -36.61 10.09 -26.19
CA ARG B 45 -36.52 10.22 -27.66
C ARG B 45 -35.12 10.72 -28.00
N GLU B 46 -34.12 10.06 -27.47
CA GLU B 46 -32.70 10.40 -27.75
C GLU B 46 -31.96 9.11 -28.08
N ASN B 47 -30.89 9.23 -28.84
CA ASN B 47 -29.92 8.13 -28.98
C ASN B 47 -29.06 8.11 -27.71
N VAL B 48 -28.77 6.92 -27.25
CA VAL B 48 -27.96 6.63 -26.05
C VAL B 48 -26.98 5.48 -26.39
N ALA B 49 -25.99 5.26 -25.54
CA ALA B 49 -25.07 4.13 -25.63
C ALA B 49 -25.51 3.07 -24.63
N LEU B 50 -25.56 1.83 -25.08
CA LEU B 50 -25.99 0.72 -24.23
C LEU B 50 -24.91 -0.34 -24.34
N LYS B 51 -24.30 -0.65 -23.21
CA LYS B 51 -23.27 -1.70 -23.10
C LYS B 51 -23.89 -2.92 -22.42
N VAL B 52 -23.54 -4.08 -22.88
CA VAL B 52 -24.15 -5.34 -22.40
C VAL B 52 -23.08 -6.41 -22.31
N GLU B 53 -23.28 -7.34 -21.40
CA GLU B 53 -22.45 -8.56 -21.30
C GLU B 53 -23.35 -9.71 -20.84
N SER B 54 -23.01 -10.89 -21.26
CA SER B 54 -23.63 -12.14 -20.76
C SER B 54 -23.52 -12.22 -19.24
N ALA B 55 -24.57 -12.68 -18.57
CA ALA B 55 -24.56 -13.06 -17.14
C ALA B 55 -23.72 -14.34 -16.94
N GLN B 56 -23.36 -15.07 -18.01
CA GLN B 56 -22.48 -16.26 -17.94
C GLN B 56 -21.02 -15.96 -18.37
N GLN B 57 -20.71 -14.75 -18.84
CA GLN B 57 -19.34 -14.36 -19.29
C GLN B 57 -18.35 -14.56 -18.13
N PRO B 58 -17.19 -15.23 -18.35
CA PRO B 58 -16.23 -15.49 -17.27
C PRO B 58 -15.74 -14.24 -16.53
N LYS B 59 -15.39 -13.19 -17.27
CA LYS B 59 -14.77 -11.96 -16.73
C LYS B 59 -15.74 -10.81 -16.97
N GLN B 60 -16.61 -10.51 -16.01
CA GLN B 60 -17.66 -9.47 -16.15
C GLN B 60 -17.12 -8.15 -15.59
N VAL B 61 -17.27 -7.07 -16.34
CA VAL B 61 -16.69 -5.77 -15.95
C VAL B 61 -17.79 -4.73 -15.80
N LEU B 62 -19.05 -5.02 -16.10
CA LEU B 62 -20.06 -3.93 -16.08
C LEU B 62 -20.40 -3.53 -14.63
N LYS B 63 -20.16 -4.36 -13.65
CA LYS B 63 -20.32 -3.95 -12.24
C LYS B 63 -19.34 -2.81 -11.97
N MET B 64 -18.13 -2.92 -12.49
CA MET B 64 -17.11 -1.82 -12.32
C MET B 64 -17.53 -0.58 -13.12
N GLU B 65 -17.95 -0.76 -14.35
CA GLU B 65 -18.39 0.31 -15.24
C GLU B 65 -19.41 1.14 -14.46
N VAL B 66 -20.43 0.49 -13.91
CA VAL B 66 -21.54 1.22 -13.25
C VAL B 66 -21.02 1.92 -12.02
N ALA B 67 -20.22 1.27 -11.20
CA ALA B 67 -19.73 1.86 -9.95
C ALA B 67 -18.94 3.13 -10.27
N VAL B 68 -18.06 3.07 -11.26
CA VAL B 68 -17.19 4.24 -11.54
C VAL B 68 -18.02 5.33 -12.22
N LEU B 69 -18.85 4.98 -13.20
CA LEU B 69 -19.73 5.96 -13.82
C LEU B 69 -20.52 6.69 -12.74
N LYS B 70 -21.12 5.96 -11.82
CA LYS B 70 -21.89 6.59 -10.70
C LYS B 70 -20.98 7.52 -9.93
N LYS B 71 -19.79 7.08 -9.49
CA LYS B 71 -18.88 7.86 -8.67
C LYS B 71 -18.48 9.16 -9.37
N LEU B 72 -18.44 9.18 -10.70
CA LEU B 72 -17.95 10.35 -11.47
C LEU B 72 -19.12 11.25 -11.83
N GLN B 73 -20.36 10.89 -11.50
CA GLN B 73 -21.51 11.71 -12.00
C GLN B 73 -21.39 13.15 -11.52
N GLY B 74 -21.75 14.00 -12.47
CA GLY B 74 -21.75 15.45 -12.36
C GLY B 74 -20.41 16.02 -12.75
N LYS B 75 -19.35 15.21 -12.85
CA LYS B 75 -18.03 15.72 -13.25
C LYS B 75 -17.96 15.95 -14.75
N ASP B 76 -16.98 16.77 -15.15
CA ASP B 76 -16.71 17.02 -16.57
C ASP B 76 -16.02 15.74 -17.16
N HIS B 77 -16.07 15.64 -18.47
CA HIS B 77 -15.39 14.60 -19.26
C HIS B 77 -15.99 13.21 -19.01
N VAL B 78 -17.18 13.10 -18.45
CA VAL B 78 -17.81 11.80 -18.17
C VAL B 78 -19.18 11.75 -18.84
N CYS B 79 -19.60 10.58 -19.30
CA CYS B 79 -20.92 10.39 -19.91
C CYS B 79 -21.96 10.40 -18.81
N ARG B 80 -23.09 11.03 -19.03
CA ARG B 80 -24.23 11.00 -18.09
C ARG B 80 -24.73 9.54 -17.93
N PHE B 81 -24.89 9.12 -16.71
CA PHE B 81 -25.49 7.82 -16.35
C PHE B 81 -26.98 7.86 -16.58
N ILE B 82 -27.47 6.89 -17.35
CA ILE B 82 -28.91 6.80 -17.72
C ILE B 82 -29.59 5.64 -17.02
N GLY B 83 -28.96 4.46 -16.95
CA GLY B 83 -29.61 3.35 -16.27
C GLY B 83 -28.75 2.15 -16.29
N CYS B 84 -29.19 1.10 -15.61
CA CYS B 84 -28.47 -0.18 -15.56
C CYS B 84 -29.41 -1.26 -15.08
N GLY B 85 -29.03 -2.48 -15.32
CA GLY B 85 -29.80 -3.63 -14.86
C GLY B 85 -28.99 -4.90 -14.93
N ARG B 86 -29.48 -5.92 -14.27
CA ARG B 86 -28.85 -7.26 -14.19
C ARG B 86 -29.99 -8.26 -14.26
N ASN B 87 -29.91 -9.25 -15.15
CA ASN B 87 -30.92 -10.33 -15.19
C ASN B 87 -30.20 -11.62 -15.49
N ASP B 88 -30.96 -12.72 -15.59
CA ASP B 88 -30.41 -14.08 -15.73
C ASP B 88 -29.65 -14.19 -17.06
N ARG B 89 -29.99 -13.39 -18.05
CA ARG B 89 -29.36 -13.48 -19.40
C ARG B 89 -28.18 -12.51 -19.51
N PHE B 90 -28.37 -11.25 -19.10
CA PHE B 90 -27.36 -10.19 -19.36
C PHE B 90 -27.41 -9.13 -18.27
N ASN B 91 -26.31 -8.42 -18.17
CA ASN B 91 -26.18 -7.16 -17.42
C ASN B 91 -26.03 -6.05 -18.45
N TYR B 92 -26.53 -4.88 -18.15
CA TYR B 92 -26.42 -3.75 -19.09
C TYR B 92 -26.22 -2.46 -18.33
N VAL B 93 -25.65 -1.51 -19.04
CA VAL B 93 -25.60 -0.12 -18.53
CA VAL B 93 -25.49 -0.11 -18.55
C VAL B 93 -25.86 0.82 -19.71
N VAL B 94 -26.58 1.86 -19.42
CA VAL B 94 -26.97 2.85 -20.44
C VAL B 94 -26.36 4.21 -20.08
N MET B 95 -25.76 4.86 -21.01
CA MET B 95 -25.13 6.16 -20.74
CA MET B 95 -25.16 6.18 -20.73
C MET B 95 -25.15 7.06 -21.98
N GLN B 96 -24.81 8.30 -21.79
CA GLN B 96 -24.80 9.30 -22.89
C GLN B 96 -23.98 8.80 -24.05
N LEU B 97 -24.54 8.93 -25.27
CA LEU B 97 -23.82 8.62 -26.50
C LEU B 97 -22.93 9.81 -26.88
N GLN B 98 -21.68 9.58 -27.21
CA GLN B 98 -20.76 10.62 -27.69
C GLN B 98 -20.53 10.48 -29.18
N GLY B 99 -19.60 11.25 -29.70
CA GLY B 99 -19.31 11.33 -31.12
C GLY B 99 -18.12 10.46 -31.47
N ARG B 100 -17.28 11.01 -32.30
CA ARG B 100 -16.14 10.29 -32.91
C ARG B 100 -15.05 10.09 -31.84
N ASN B 101 -14.56 8.88 -31.73
CA ASN B 101 -13.46 8.53 -30.79
C ASN B 101 -12.11 8.91 -31.38
N LEU B 102 -11.16 9.13 -30.50
CA LEU B 102 -9.92 9.76 -30.92
C LEU B 102 -9.11 8.82 -31.83
N ALA B 103 -9.20 7.52 -31.65
CA ALA B 103 -8.49 6.57 -32.53
C ALA B 103 -9.03 6.75 -33.96
N ASP B 104 -10.35 6.84 -34.12
CA ASP B 104 -11.01 7.05 -35.44
C ASP B 104 -10.62 8.43 -35.97
N LEU B 105 -10.60 9.44 -35.13
CA LEU B 105 -10.29 10.80 -35.61
C LEU B 105 -8.84 10.84 -36.07
N ARG B 106 -7.92 10.18 -35.37
CA ARG B 106 -6.51 10.20 -35.81
C ARG B 106 -6.37 9.42 -37.14
N ARG B 107 -7.07 8.30 -37.29
CA ARG B 107 -6.96 7.47 -38.51
C ARG B 107 -7.57 8.23 -39.70
N SER B 108 -8.53 9.11 -39.44
CA SER B 108 -9.26 9.87 -40.49
C SER B 108 -8.41 11.05 -41.00
N GLN B 109 -7.32 11.37 -40.34
CA GLN B 109 -6.36 12.35 -40.85
C GLN B 109 -5.48 11.67 -41.89
N SER B 110 -5.25 12.33 -43.01
CA SER B 110 -4.49 11.77 -44.14
C SER B 110 -3.10 11.33 -43.62
N ARG B 111 -2.47 12.16 -42.79
CA ARG B 111 -1.09 11.91 -42.27
C ARG B 111 -1.11 10.98 -41.03
N GLY B 112 -2.29 10.70 -40.46
CA GLY B 112 -2.34 9.83 -39.28
C GLY B 112 -1.74 10.50 -38.05
N THR B 113 -1.77 11.83 -37.99
CA THR B 113 -1.19 12.62 -36.89
C THR B 113 -2.16 13.75 -36.55
N PHE B 114 -2.07 14.28 -35.35
CA PHE B 114 -2.67 15.59 -35.02
C PHE B 114 -1.59 16.65 -34.91
N THR B 115 -1.95 17.90 -35.16
CA THR B 115 -1.08 19.06 -34.90
C THR B 115 -0.81 19.18 -33.40
N ILE B 116 0.16 19.97 -33.08
CA ILE B 116 0.46 20.26 -31.65
CA ILE B 116 0.49 20.33 -31.66
C ILE B 116 -0.71 21.04 -31.03
N SER B 117 -1.37 21.91 -31.78
CA SER B 117 -2.56 22.63 -31.25
C SER B 117 -3.61 21.64 -30.78
N THR B 118 -4.03 20.71 -31.62
CA THR B 118 -5.06 19.72 -31.28
C THR B 118 -4.52 18.80 -30.16
N THR B 119 -3.26 18.40 -30.26
CA THR B 119 -2.64 17.45 -29.28
C THR B 119 -2.69 18.09 -27.90
N LEU B 120 -2.25 19.34 -27.78
CA LEU B 120 -2.16 19.96 -26.44
C LEU B 120 -3.56 20.09 -25.83
N ARG B 121 -4.54 20.48 -26.62
CA ARG B 121 -5.90 20.71 -26.07
C ARG B 121 -6.47 19.36 -25.64
N LEU B 122 -6.36 18.33 -26.48
CA LEU B 122 -6.85 16.99 -26.10
C LEU B 122 -6.11 16.49 -24.86
N GLY B 123 -4.80 16.64 -24.83
CA GLY B 123 -3.97 16.18 -23.71
C GLY B 123 -4.40 16.81 -22.43
N ARG B 124 -4.66 18.10 -22.45
CA ARG B 124 -5.05 18.79 -21.20
C ARG B 124 -6.39 18.24 -20.75
N GLN B 125 -7.34 18.03 -21.67
CA GLN B 125 -8.66 17.52 -21.26
C GLN B 125 -8.49 16.12 -20.70
N ILE B 126 -7.67 15.29 -21.34
CA ILE B 126 -7.51 13.88 -20.88
C ILE B 126 -6.82 13.90 -19.51
N LEU B 127 -5.88 14.80 -19.31
CA LEU B 127 -5.27 14.92 -17.95
C LEU B 127 -6.33 15.28 -16.94
N GLU B 128 -7.21 16.22 -17.25
CA GLU B 128 -8.33 16.59 -16.33
C GLU B 128 -9.09 15.31 -15.97
N SER B 129 -9.45 14.49 -16.97
CA SER B 129 -10.28 13.29 -16.75
C SER B 129 -9.54 12.26 -15.87
N ILE B 130 -8.24 12.16 -16.03
CA ILE B 130 -7.41 11.21 -15.24
C ILE B 130 -7.36 11.73 -13.81
N GLU B 131 -7.09 13.01 -13.58
CA GLU B 131 -7.08 13.52 -12.19
C GLU B 131 -8.47 13.25 -11.56
N SER B 132 -9.53 13.42 -12.33
CA SER B 132 -10.91 13.22 -11.81
CA SER B 132 -10.91 13.21 -11.85
C SER B 132 -11.12 11.77 -11.38
N ILE B 133 -10.77 10.79 -12.20
CA ILE B 133 -11.02 9.40 -11.80
C ILE B 133 -10.14 9.07 -10.59
N HIS B 134 -8.88 9.52 -10.57
CA HIS B 134 -8.01 9.31 -9.40
C HIS B 134 -8.64 9.93 -8.14
N SER B 135 -9.31 11.06 -8.28
CA SER B 135 -9.86 11.84 -7.17
C SER B 135 -11.01 11.07 -6.49
N VAL B 136 -11.66 10.13 -7.18
CA VAL B 136 -12.73 9.29 -6.57
C VAL B 136 -12.19 7.91 -6.22
N GLY B 137 -10.86 7.73 -6.29
CA GLY B 137 -10.17 6.55 -5.75
C GLY B 137 -10.02 5.40 -6.73
N PHE B 138 -10.12 5.67 -8.01
CA PHE B 138 -9.97 4.60 -9.02
C PHE B 138 -8.84 4.94 -9.97
N LEU B 139 -8.16 3.88 -10.39
CA LEU B 139 -7.23 3.90 -11.53
C LEU B 139 -7.98 3.46 -12.76
N HIS B 140 -7.69 4.06 -13.90
CA HIS B 140 -8.31 3.67 -15.19
C HIS B 140 -7.71 2.37 -15.70
N ARG B 141 -6.38 2.37 -15.84
CA ARG B 141 -5.56 1.23 -16.25
C ARG B 141 -5.70 0.88 -17.73
N ASP B 142 -6.49 1.61 -18.51
CA ASP B 142 -6.52 1.33 -19.96
C ASP B 142 -6.65 2.65 -20.72
N ILE B 143 -5.81 3.60 -20.41
CA ILE B 143 -5.79 4.89 -21.12
C ILE B 143 -5.28 4.66 -22.54
N LYS B 144 -6.11 4.96 -23.52
CA LYS B 144 -5.79 4.72 -24.95
C LYS B 144 -6.76 5.53 -25.77
N PRO B 145 -6.44 5.86 -27.02
CA PRO B 145 -7.26 6.82 -27.76
C PRO B 145 -8.71 6.35 -28.00
N SER B 146 -8.92 5.06 -28.15
CA SER B 146 -10.28 4.52 -28.41
C SER B 146 -11.15 4.60 -27.14
N ASN B 147 -10.59 4.99 -25.98
CA ASN B 147 -11.41 5.19 -24.75
C ASN B 147 -11.73 6.64 -24.53
N PHE B 148 -11.61 7.46 -25.55
CA PHE B 148 -11.97 8.91 -25.50
C PHE B 148 -12.73 9.28 -26.78
N ALA B 149 -13.72 10.14 -26.67
CA ALA B 149 -14.44 10.67 -27.84
C ALA B 149 -14.86 12.09 -27.62
N MET B 150 -14.97 12.83 -28.71
CA MET B 150 -15.56 14.19 -28.61
C MET B 150 -17.07 14.04 -28.53
N GLY B 151 -17.75 15.07 -28.08
CA GLY B 151 -19.23 15.07 -28.05
C GLY B 151 -19.85 15.11 -29.45
N ARG B 152 -21.14 14.83 -29.58
CA ARG B 152 -21.76 14.63 -30.91
C ARG B 152 -22.62 15.83 -31.31
N PHE B 153 -22.75 16.88 -30.45
CA PHE B 153 -23.60 18.06 -30.71
C PHE B 153 -22.77 19.33 -30.69
N PRO B 154 -23.31 20.46 -31.22
CA PRO B 154 -22.53 21.69 -31.19
C PRO B 154 -22.06 22.03 -29.78
N SER B 155 -22.92 21.82 -28.78
CA SER B 155 -22.60 22.21 -27.38
C SER B 155 -21.63 21.26 -26.69
N THR B 156 -21.35 20.07 -27.26
CA THR B 156 -20.47 19.06 -26.61
C THR B 156 -19.27 18.67 -27.49
N CYS B 157 -19.28 19.04 -28.76
CA CYS B 157 -18.26 18.49 -29.70
C CYS B 157 -16.87 19.05 -29.49
N ARG B 158 -16.69 20.06 -28.63
CA ARG B 158 -15.34 20.57 -28.26
C ARG B 158 -14.86 19.98 -26.93
N LYS B 159 -15.67 19.11 -26.35
CA LYS B 159 -15.39 18.42 -25.06
C LYS B 159 -15.00 16.98 -25.36
N CYS B 160 -13.95 16.51 -24.74
CA CYS B 160 -13.45 15.14 -24.81
C CYS B 160 -13.92 14.36 -23.59
N TYR B 161 -14.46 13.18 -23.81
CA TYR B 161 -15.12 12.36 -22.78
C TYR B 161 -14.39 11.02 -22.64
N MET B 162 -14.13 10.64 -21.41
CA MET B 162 -13.67 9.27 -21.05
C MET B 162 -14.82 8.30 -21.17
N LEU B 163 -14.71 7.22 -21.95
CA LEU B 163 -15.89 6.44 -22.44
C LEU B 163 -16.16 5.14 -21.67
N ASP B 164 -15.15 4.59 -21.01
CA ASP B 164 -15.18 3.20 -20.51
C ASP B 164 -14.35 3.09 -19.23
N PHE B 165 -14.78 2.25 -18.30
CA PHE B 165 -14.09 2.04 -17.01
C PHE B 165 -13.98 0.55 -16.68
N GLY B 166 -14.10 -0.31 -17.67
CA GLY B 166 -14.19 -1.75 -17.47
C GLY B 166 -12.94 -2.33 -16.80
N LEU B 167 -11.77 -1.71 -16.99
CA LEU B 167 -10.51 -2.26 -16.43
C LEU B 167 -10.09 -1.49 -15.17
N ALA B 168 -10.93 -0.55 -14.68
CA ALA B 168 -10.59 0.24 -13.48
C ALA B 168 -10.41 -0.63 -12.22
N ARG B 169 -9.66 -0.08 -11.27
CA ARG B 169 -9.47 -0.73 -9.96
C ARG B 169 -9.47 0.36 -8.91
N GLN B 170 -10.12 0.12 -7.80
CA GLN B 170 -10.09 1.06 -6.66
C GLN B 170 -8.74 0.97 -6.00
N PHE B 171 -8.02 2.08 -5.87
CA PHE B 171 -6.67 2.04 -5.25
C PHE B 171 -6.68 2.62 -3.85
N THR B 172 -7.83 3.13 -3.38
CA THR B 172 -8.02 3.59 -1.98
C THR B 172 -8.96 2.62 -1.28
N ASN B 173 -8.78 2.46 0.03
CA ASN B 173 -9.53 1.43 0.80
C ASN B 173 -10.85 2.06 1.25
N SER B 174 -11.54 1.40 2.18
CA SER B 174 -12.77 1.89 2.85
C SER B 174 -12.57 3.27 3.49
N CYS B 175 -11.34 3.60 3.92
CA CYS B 175 -11.02 4.78 4.77
C CYS B 175 -10.51 5.96 3.92
N GLY B 176 -10.16 5.74 2.64
CA GLY B 176 -9.65 6.78 1.71
C GLY B 176 -8.13 6.73 1.57
N ASP B 177 -7.50 5.78 2.26
CA ASP B 177 -6.02 5.54 2.30
C ASP B 177 -5.62 4.74 1.04
N VAL B 178 -4.41 4.88 0.55
CA VAL B 178 -3.88 4.06 -0.58
C VAL B 178 -3.70 2.60 -0.12
N ARG B 179 -4.24 1.66 -0.87
CA ARG B 179 -4.26 0.22 -0.52
C ARG B 179 -2.85 -0.31 -0.64
N PRO B 180 -2.44 -1.20 0.27
CA PRO B 180 -1.18 -1.94 0.09
C PRO B 180 -1.20 -2.69 -1.24
N PRO B 181 -0.15 -2.55 -2.07
CA PRO B 181 -0.16 -3.20 -3.37
C PRO B 181 0.05 -4.71 -3.23
N ARG B 182 -0.53 -5.42 -4.19
CA ARG B 182 -0.26 -6.85 -4.36
C ARG B 182 1.19 -7.04 -4.80
N ALA B 183 1.75 -8.20 -4.50
CA ALA B 183 3.13 -8.57 -4.87
C ALA B 183 3.21 -8.71 -6.41
N VAL B 184 2.18 -9.30 -6.99
CA VAL B 184 2.03 -9.54 -8.46
CA VAL B 184 2.02 -9.57 -8.45
C VAL B 184 0.62 -9.15 -8.86
N ALA B 185 0.48 -8.49 -10.02
CA ALA B 185 -0.82 -8.08 -10.57
C ALA B 185 -0.80 -8.37 -12.07
N GLY B 186 -1.74 -9.17 -12.54
CA GLY B 186 -1.95 -9.47 -13.97
C GLY B 186 -1.92 -8.20 -14.81
N PHE B 187 -1.18 -8.28 -15.90
CA PHE B 187 -1.03 -7.21 -16.90
C PHE B 187 -2.42 -6.79 -17.32
N ARG B 188 -2.64 -5.50 -17.24
CA ARG B 188 -3.92 -4.85 -17.51
C ARG B 188 -3.69 -3.77 -18.55
N GLY B 189 -4.47 -3.87 -19.60
CA GLY B 189 -4.62 -2.83 -20.61
C GLY B 189 -4.16 -3.32 -21.96
N THR B 190 -3.71 -2.39 -22.75
CA THR B 190 -3.36 -2.57 -24.14
C THR B 190 -1.84 -2.48 -24.26
N VAL B 191 -1.23 -3.45 -24.90
CA VAL B 191 0.26 -3.55 -24.89
C VAL B 191 0.87 -2.23 -25.37
N ARG B 192 0.32 -1.64 -26.42
CA ARG B 192 0.93 -0.44 -27.00
C ARG B 192 1.11 0.69 -25.98
N TYR B 193 0.15 0.91 -25.11
CA TYR B 193 0.13 2.10 -24.25
C TYR B 193 0.50 1.78 -22.80
N ALA B 194 0.73 0.51 -22.49
CA ALA B 194 0.98 0.06 -21.10
C ALA B 194 2.30 0.61 -20.58
N SER B 195 2.34 0.97 -19.29
CA SER B 195 3.59 1.43 -18.67
C SER B 195 4.53 0.23 -18.41
N ILE B 196 5.77 0.53 -18.15
CA ILE B 196 6.77 -0.53 -17.75
C ILE B 196 6.20 -1.35 -16.57
N ASN B 197 5.52 -0.70 -15.62
CA ASN B 197 5.05 -1.41 -14.40
C ASN B 197 4.01 -2.45 -14.74
N ALA B 198 3.11 -2.18 -15.69
CA ALA B 198 2.17 -3.19 -16.20
C ALA B 198 2.93 -4.36 -16.81
N HIS B 199 3.95 -4.08 -17.62
CA HIS B 199 4.78 -5.12 -18.28
C HIS B 199 5.45 -6.00 -17.21
N ARG B 200 5.76 -5.41 -16.04
CA ARG B 200 6.46 -6.12 -14.94
C ARG B 200 5.47 -6.79 -13.99
N ASN B 201 4.17 -6.74 -14.32
CA ASN B 201 3.11 -7.41 -13.52
C ASN B 201 3.17 -6.85 -12.10
N ARG B 202 3.42 -5.56 -12.00
CA ARG B 202 3.41 -4.84 -10.71
C ARG B 202 2.02 -4.24 -10.54
N GLU B 203 1.63 -4.01 -9.31
CA GLU B 203 0.41 -3.26 -9.02
C GLU B 203 0.52 -1.88 -9.67
N MET B 204 -0.45 -1.51 -10.50
CA MET B 204 -0.47 -0.25 -11.19
C MET B 204 -0.85 0.87 -10.22
N GLY B 205 -0.33 2.03 -10.50
CA GLY B 205 -0.64 3.23 -9.71
C GLY B 205 -1.11 4.38 -10.57
N ARG B 206 -1.29 5.52 -9.93
CA ARG B 206 -1.75 6.72 -10.65
C ARG B 206 -0.77 7.18 -11.73
N HIS B 207 0.51 6.99 -11.52
CA HIS B 207 1.54 7.35 -12.50
C HIS B 207 1.44 6.47 -13.75
N ASP B 208 0.93 5.25 -13.65
CA ASP B 208 0.87 4.35 -14.84
C ASP B 208 -0.18 4.87 -15.81
N ASP B 209 -1.26 5.48 -15.31
CA ASP B 209 -2.23 6.17 -16.21
C ASP B 209 -1.53 7.32 -16.93
N LEU B 210 -0.66 8.04 -16.22
CA LEU B 210 0.05 9.20 -16.81
C LEU B 210 1.10 8.75 -17.84
N TRP B 211 1.79 7.63 -17.62
CA TRP B 211 2.67 7.03 -18.68
C TRP B 211 1.82 6.76 -19.93
N SER B 212 0.66 6.12 -19.79
CA SER B 212 -0.20 5.82 -20.95
C SER B 212 -0.59 7.12 -21.66
N LEU B 213 -0.90 8.17 -20.91
CA LEU B 213 -1.19 9.49 -21.51
C LEU B 213 0.03 10.00 -22.29
N PHE B 214 1.21 9.90 -21.70
CA PHE B 214 2.44 10.35 -22.39
C PHE B 214 2.57 9.63 -23.74
N TYR B 215 2.41 8.30 -23.74
CA TYR B 215 2.55 7.50 -24.96
C TYR B 215 1.49 7.95 -25.99
N MET B 216 0.25 8.16 -25.53
CA MET B 216 -0.83 8.54 -26.46
CA MET B 216 -0.84 8.59 -26.43
C MET B 216 -0.48 9.91 -27.08
N LEU B 217 0.04 10.85 -26.30
CA LEU B 217 0.36 12.21 -26.84
C LEU B 217 1.51 12.12 -27.85
N VAL B 218 2.53 11.33 -27.55
CA VAL B 218 3.62 11.12 -28.52
C VAL B 218 3.05 10.52 -29.80
N GLU B 219 2.22 9.52 -29.68
CA GLU B 219 1.64 8.86 -30.87
C GLU B 219 0.80 9.86 -31.66
N PHE B 220 0.07 10.75 -30.99
CA PHE B 220 -0.73 11.78 -31.68
C PHE B 220 0.18 12.62 -32.59
N VAL B 221 1.34 13.07 -32.08
CA VAL B 221 2.14 14.08 -32.84
CA VAL B 221 2.23 14.06 -32.76
C VAL B 221 3.04 13.37 -33.86
N VAL B 222 3.57 12.19 -33.54
CA VAL B 222 4.57 11.46 -34.38
C VAL B 222 3.81 10.54 -35.34
N GLY B 223 2.67 9.99 -34.91
CA GLY B 223 1.90 9.06 -35.74
C GLY B 223 2.13 7.63 -35.35
N GLN B 224 3.17 7.36 -34.54
CA GLN B 224 3.52 5.96 -34.17
C GLN B 224 4.39 5.97 -32.95
N LEU B 225 4.45 4.84 -32.29
CA LEU B 225 5.36 4.60 -31.15
C LEU B 225 6.46 3.66 -31.61
N PRO B 226 7.58 3.64 -30.88
CA PRO B 226 8.76 2.90 -31.37
C PRO B 226 8.53 1.36 -31.45
N TRP B 227 7.58 0.88 -30.67
CA TRP B 227 7.19 -0.55 -30.58
C TRP B 227 5.89 -0.81 -31.35
N ARG B 228 5.56 0.03 -32.31
CA ARG B 228 4.35 -0.12 -33.18
C ARG B 228 4.29 -1.54 -33.75
N LYS B 229 5.41 -2.07 -34.29
CA LYS B 229 5.38 -3.30 -35.12
C LYS B 229 5.56 -4.54 -34.26
N ILE B 230 5.82 -4.38 -32.97
CA ILE B 230 6.16 -5.50 -32.04
C ILE B 230 4.86 -5.94 -31.37
N LYS B 231 4.45 -7.18 -31.59
CA LYS B 231 3.17 -7.73 -31.05
C LYS B 231 3.42 -8.44 -29.71
N ASP B 232 4.57 -9.07 -29.54
CA ASP B 232 4.90 -9.87 -28.34
C ASP B 232 5.04 -8.96 -27.12
N LYS B 233 4.20 -9.19 -26.12
CA LYS B 233 4.08 -8.32 -24.94
C LYS B 233 5.44 -8.21 -24.24
N GLU B 234 6.17 -9.32 -24.08
CA GLU B 234 7.46 -9.29 -23.35
C GLU B 234 8.53 -8.53 -24.16
N GLN B 235 8.49 -8.65 -25.48
CA GLN B 235 9.40 -7.90 -26.39
C GLN B 235 9.12 -6.39 -26.27
N VAL B 236 7.85 -6.03 -26.19
CA VAL B 236 7.50 -4.60 -26.02
C VAL B 236 8.04 -4.15 -24.68
N GLY B 237 7.81 -4.93 -23.62
CA GLY B 237 8.25 -4.53 -22.27
C GLY B 237 9.75 -4.32 -22.21
N SER B 238 10.50 -5.20 -22.83
CA SER B 238 11.98 -5.10 -22.88
CA SER B 238 11.98 -5.09 -22.89
C SER B 238 12.39 -3.78 -23.56
N ILE B 239 11.73 -3.43 -24.63
CA ILE B 239 12.02 -2.13 -25.31
C ILE B 239 11.74 -0.96 -24.37
N LYS B 240 10.62 -0.97 -23.72
CA LYS B 240 10.21 0.16 -22.87
C LYS B 240 11.19 0.28 -21.70
N GLU B 241 11.58 -0.84 -21.12
CA GLU B 241 12.50 -0.86 -19.95
C GLU B 241 13.81 -0.17 -20.27
N ARG B 242 14.33 -0.31 -21.49
CA ARG B 242 15.64 0.21 -21.92
C ARG B 242 15.51 1.57 -22.63
N TYR B 243 14.30 1.93 -23.07
CA TYR B 243 14.13 3.07 -23.99
C TYR B 243 14.49 4.38 -23.29
N ASP B 244 15.25 5.24 -23.97
CA ASP B 244 15.49 6.60 -23.49
C ASP B 244 14.29 7.46 -23.86
N HIS B 245 13.36 7.66 -22.94
CA HIS B 245 12.10 8.37 -23.23
C HIS B 245 12.35 9.85 -23.56
N ARG B 246 13.53 10.37 -23.27
CA ARG B 246 13.88 11.75 -23.69
C ARG B 246 13.85 11.86 -25.23
N LEU B 247 14.05 10.76 -25.95
CA LEU B 247 13.98 10.82 -27.43
C LEU B 247 12.58 11.30 -27.86
N MET B 248 11.57 11.02 -27.05
CA MET B 248 10.18 11.34 -27.43
C MET B 248 9.92 12.83 -27.24
N LEU B 249 10.81 13.55 -26.57
CA LEU B 249 10.64 15.01 -26.32
C LEU B 249 10.86 15.82 -27.58
N LYS B 250 11.57 15.26 -28.56
CA LYS B 250 11.94 15.94 -29.81
C LYS B 250 10.73 16.66 -30.42
N HIS B 251 9.58 16.01 -30.49
CA HIS B 251 8.43 16.57 -31.25
C HIS B 251 7.41 17.17 -30.31
N LEU B 252 7.74 17.33 -29.04
CA LEU B 252 6.79 17.96 -28.09
C LEU B 252 7.32 19.33 -27.72
N PRO B 253 6.41 20.22 -27.21
CA PRO B 253 6.86 21.49 -26.69
C PRO B 253 7.86 21.30 -25.56
N PRO B 254 8.79 22.27 -25.36
CA PRO B 254 9.89 22.08 -24.41
C PRO B 254 9.51 21.68 -22.99
N GLU B 255 8.40 22.18 -22.47
CA GLU B 255 8.05 21.92 -21.06
C GLU B 255 7.66 20.46 -20.87
N PHE B 256 7.54 19.65 -21.92
CA PHE B 256 7.28 18.21 -21.70
C PHE B 256 8.49 17.51 -21.09
N SER B 257 9.66 18.15 -21.05
CA SER B 257 10.80 17.61 -20.29
C SER B 257 10.39 17.55 -18.81
N ILE B 258 9.66 18.56 -18.35
CA ILE B 258 9.22 18.65 -16.93
C ILE B 258 8.20 17.54 -16.70
N PHE B 259 7.29 17.35 -17.63
CA PHE B 259 6.25 16.29 -17.56
C PHE B 259 6.92 14.91 -17.43
N LEU B 260 7.87 14.62 -18.32
CA LEU B 260 8.54 13.28 -18.34
C LEU B 260 9.37 13.11 -17.06
N ASP B 261 10.14 14.13 -16.67
CA ASP B 261 10.97 14.03 -15.43
CA ASP B 261 10.96 14.04 -15.43
C ASP B 261 10.04 13.70 -14.25
N HIS B 262 8.89 14.37 -14.17
CA HIS B 262 7.96 14.20 -13.03
C HIS B 262 7.44 12.77 -13.01
N ILE B 263 6.87 12.29 -14.10
CA ILE B 263 6.24 10.94 -14.07
C ILE B 263 7.34 9.88 -13.88
N SER B 264 8.56 10.13 -14.35
CA SER B 264 9.69 9.18 -14.19
C SER B 264 10.03 9.05 -12.69
N SER B 265 9.78 10.09 -11.91
CA SER B 265 10.11 10.19 -10.46
C SER B 265 9.11 9.40 -9.61
N LEU B 266 7.93 9.15 -10.15
CA LEU B 266 6.80 8.66 -9.35
C LEU B 266 6.90 7.14 -9.15
N ASP B 267 6.18 6.66 -8.16
CA ASP B 267 5.97 5.21 -7.92
C ASP B 267 4.55 5.05 -7.36
N TYR B 268 4.16 3.83 -7.06
CA TYR B 268 2.77 3.49 -6.64
C TYR B 268 2.35 4.39 -5.45
N PHE B 269 3.29 4.70 -4.53
CA PHE B 269 2.96 5.33 -3.24
C PHE B 269 3.04 6.85 -3.32
N THR B 270 3.29 7.42 -4.49
CA THR B 270 3.54 8.87 -4.60
C THR B 270 2.40 9.50 -5.42
N LYS B 271 1.69 10.41 -4.81
CA LYS B 271 0.63 11.17 -5.53
C LYS B 271 1.29 12.04 -6.58
N PRO B 272 0.82 12.00 -7.84
CA PRO B 272 1.33 12.90 -8.85
C PRO B 272 1.09 14.36 -8.47
N ASP B 273 1.98 15.22 -8.93
CA ASP B 273 1.77 16.69 -8.86
C ASP B 273 0.93 17.10 -10.06
N TYR B 274 -0.36 16.89 -10.00
CA TYR B 274 -1.26 17.17 -11.14
C TYR B 274 -1.12 18.65 -11.52
N GLN B 275 -0.98 19.58 -10.56
CA GLN B 275 -0.89 21.03 -10.86
C GLN B 275 0.35 21.27 -11.74
N LEU B 276 1.47 20.63 -11.43
CA LEU B 276 2.69 20.75 -12.23
C LEU B 276 2.42 20.24 -13.65
N LEU B 277 1.82 19.06 -13.79
CA LEU B 277 1.56 18.50 -15.13
C LEU B 277 0.57 19.39 -15.88
N THR B 278 -0.42 19.93 -15.21
CA THR B 278 -1.39 20.86 -15.83
C THR B 278 -0.61 22.07 -16.37
N SER B 279 0.31 22.60 -15.58
CA SER B 279 1.09 23.80 -15.97
C SER B 279 1.91 23.54 -17.24
N VAL B 280 2.35 22.32 -17.48
CA VAL B 280 3.10 22.00 -18.72
C VAL B 280 2.16 22.27 -19.92
N PHE B 281 0.92 21.80 -19.85
CA PHE B 281 -0.06 22.04 -20.91
C PHE B 281 -0.38 23.53 -20.98
N ASP B 282 -0.69 24.17 -19.85
CA ASP B 282 -1.14 25.57 -19.89
C ASP B 282 -0.01 26.43 -20.51
N ASN B 283 1.20 26.22 -20.05
CA ASN B 283 2.36 27.04 -20.52
C ASN B 283 2.63 26.77 -22.02
N SER B 284 2.56 25.50 -22.45
CA SER B 284 2.79 25.12 -23.86
C SER B 284 1.71 25.79 -24.75
N ILE B 285 0.46 25.74 -24.31
CA ILE B 285 -0.69 26.33 -25.03
C ILE B 285 -0.46 27.84 -25.20
N LYS B 286 -0.03 28.50 -24.16
CA LYS B 286 0.26 29.96 -24.23
C LYS B 286 1.40 30.23 -25.21
N THR B 287 2.50 29.51 -25.07
CA THR B 287 3.72 29.66 -25.89
C THR B 287 3.41 29.49 -27.38
N PHE B 288 2.54 28.54 -27.71
CA PHE B 288 2.21 28.16 -29.10
C PHE B 288 1.03 28.99 -29.60
N GLY B 289 0.49 29.90 -28.76
CA GLY B 289 -0.57 30.85 -29.14
C GLY B 289 -1.89 30.14 -29.42
N VAL B 290 -2.09 28.99 -28.81
CA VAL B 290 -3.29 28.14 -29.01
C VAL B 290 -4.44 28.72 -28.19
N ILE B 291 -5.59 28.89 -28.85
CA ILE B 291 -6.88 29.42 -28.32
C ILE B 291 -7.90 28.27 -28.34
N GLU B 292 -8.79 28.16 -27.35
CA GLU B 292 -9.77 27.01 -27.26
C GLU B 292 -10.62 26.94 -28.54
N SER B 293 -10.99 28.07 -29.13
CA SER B 293 -11.90 28.17 -30.30
C SER B 293 -11.20 27.85 -31.61
N ASP B 294 -9.88 27.71 -31.62
CA ASP B 294 -9.14 27.39 -32.86
C ASP B 294 -9.71 26.08 -33.37
N PRO B 295 -9.83 25.89 -34.68
CA PRO B 295 -10.30 24.63 -35.20
C PRO B 295 -9.42 23.47 -34.73
N PHE B 296 -10.04 22.38 -34.33
CA PHE B 296 -9.37 21.08 -34.21
C PHE B 296 -9.07 20.59 -35.63
N ASP B 297 -8.15 19.65 -35.73
CA ASP B 297 -7.68 19.14 -37.05
C ASP B 297 -8.82 18.59 -37.90
N TRP B 298 -9.84 17.98 -37.28
CA TRP B 298 -10.94 17.33 -38.04
C TRP B 298 -11.99 18.36 -38.50
N GLU B 299 -11.89 19.63 -38.08
CA GLU B 299 -12.81 20.75 -38.43
C GLU B 299 -12.22 21.53 -39.62
N LYS B 300 -11.02 21.12 -40.02
CA LYS B 300 -10.24 21.58 -41.19
C LYS B 300 -10.35 20.50 -42.27
#